data_2D03
#
_entry.id   2D03
#
_cell.length_a   57.560
_cell.length_b   70.650
_cell.length_c   122.520
_cell.angle_alpha   90.00
_cell.angle_beta   90.00
_cell.angle_gamma   90.00
#
_symmetry.space_group_name_H-M   'P 21 21 21'
#
loop_
_entity.id
_entity.type
_entity.pdbx_description
1 polymer 'anti-glycophorin A type N immunoglobulin light chain'
2 polymer 'anti-glycophorin A type N immunoglobulin heavy chain'
3 non-polymer GLYCEROL
4 non-polymer '2-(N-MORPHOLINO)-ETHANESULFONIC ACID'
5 non-polymer DI(HYDROXYETHYL)ETHER
6 water water
#
loop_
_entity_poly.entity_id
_entity_poly.type
_entity_poly.pdbx_seq_one_letter_code
_entity_poly.pdbx_strand_id
1 'polypeptide(L)'
;ELVMTQSPLSLPVSLGDQASISCRSSQSLVHSSGNTYLHWYLQKPGQSPKLLIYKVSNRFSGVPDRFSGSGSGTDFTLTI
SRVEAEDLGVYYCFQSSHVPLTFGAGTKLELKRADAAPTVSIFPPSSEQLTSGGASVVCFLNNFYPKDINVKWKIDGSER
QNGVLNSWTDQDSKDSTYSMSSTLTLTKDEYERHNSYTCEATHKTSTSPIVKSFNRN
;
L
2 'polypeptide(L)'
;EVQLLEESGPGLVQPSQSLSITCTVSGFSLTSYGVHWVRQSPGKGLEWLGVIWSGGSTDYNAAFISRLSISKDNSKSQVF
FKMNSLQADDTAIYYCARNRGYSYAMDSWGQGTSVTVSSAKTTPPSVYPLAPGSAAQTNSMVTLGCLVKGYFPEPVTVTW
NSGSLSSGVHTFPAVLQSDLYTLSSSVTVPSSTWPSETVTCNVAHPASSTKVDKKIVPRDCTS
;
H
#
# COMPACT_ATOMS: atom_id res chain seq x y z
N GLU A 1 13.18 -23.66 4.83
CA GLU A 1 11.83 -23.26 4.33
C GLU A 1 11.81 -23.17 2.81
N LEU A 2 10.61 -23.01 2.25
CA LEU A 2 10.46 -22.88 0.79
C LEU A 2 10.30 -21.41 0.42
N VAL A 3 11.39 -20.80 -0.03
CA VAL A 3 11.36 -19.38 -0.39
C VAL A 3 11.15 -19.18 -1.89
N MET A 4 10.29 -18.22 -2.22
CA MET A 4 9.99 -17.89 -3.61
C MET A 4 10.63 -16.54 -3.90
N THR A 5 11.59 -16.54 -4.82
CA THR A 5 12.27 -15.29 -5.17
C THR A 5 11.80 -14.84 -6.54
N GLN A 6 11.18 -13.66 -6.55
CA GLN A 6 10.65 -13.08 -7.76
C GLN A 6 11.61 -12.02 -8.25
N SER A 7 11.85 -12.01 -9.55
CA SER A 7 12.76 -11.03 -10.13
C SER A 7 12.24 -10.56 -11.49
N PRO A 8 12.32 -9.24 -11.75
CA PRO A 8 12.84 -8.20 -10.86
C PRO A 8 11.77 -7.66 -9.91
N LEU A 9 12.18 -6.76 -9.01
CA LEU A 9 11.25 -6.19 -8.05
C LEU A 9 10.39 -5.16 -8.73
N SER A 10 10.98 -4.41 -9.64
CA SER A 10 10.28 -3.40 -10.39
C SER A 10 10.66 -3.63 -11.85
N LEU A 11 9.69 -3.51 -12.75
CA LEU A 11 10.00 -3.70 -14.15
C LEU A 11 9.32 -2.60 -14.94
N PRO A 12 10.08 -1.56 -15.28
CA PRO A 12 9.53 -0.43 -16.06
C PRO A 12 9.46 -0.86 -17.53
N VAL A 13 8.32 -0.61 -18.18
CA VAL A 13 8.17 -1.00 -19.58
C VAL A 13 7.41 0.09 -20.30
N SER A 14 7.48 0.04 -21.62
CA SER A 14 6.78 0.97 -22.48
C SER A 14 5.65 0.13 -23.05
N LEU A 15 4.47 0.72 -23.20
CA LEU A 15 3.37 -0.02 -23.75
C LEU A 15 3.78 -0.60 -25.09
N GLY A 16 3.53 -1.89 -25.27
CA GLY A 16 3.91 -2.53 -26.52
C GLY A 16 5.11 -3.46 -26.36
N ASP A 17 6.00 -3.17 -25.41
CA ASP A 17 7.18 -3.99 -25.21
C ASP A 17 6.81 -5.38 -24.71
N GLN A 18 7.81 -6.25 -24.67
CA GLN A 18 7.62 -7.58 -24.15
C GLN A 18 8.17 -7.46 -22.74
N ALA A 19 7.59 -8.22 -21.82
CA ALA A 19 8.03 -8.20 -20.44
C ALA A 19 8.20 -9.63 -19.99
N SER A 20 9.22 -9.88 -19.19
CA SER A 20 9.46 -11.21 -18.71
C SER A 20 9.74 -11.09 -17.22
N ILE A 21 8.98 -11.84 -16.43
CA ILE A 21 9.08 -11.85 -14.97
C ILE A 21 9.49 -13.26 -14.52
N SER A 22 10.46 -13.35 -13.63
CA SER A 22 10.92 -14.64 -13.18
C SER A 22 10.60 -14.94 -11.72
N CYS A 23 10.54 -16.24 -11.41
CA CYS A 23 10.26 -16.70 -10.07
C CYS A 23 11.08 -17.95 -9.88
N ARG A 24 11.85 -17.99 -8.80
CA ARG A 24 12.67 -19.15 -8.50
C ARG A 24 12.40 -19.63 -7.09
N SER A 25 12.25 -20.93 -6.92
CA SER A 25 11.96 -21.48 -5.60
C SER A 25 13.18 -22.17 -5.03
N SER A 26 13.27 -22.20 -3.70
CA SER A 26 14.38 -22.83 -3.03
C SER A 26 14.34 -24.35 -3.14
N GLN A 27 13.21 -24.88 -3.62
CA GLN A 27 13.05 -26.32 -3.79
C GLN A 27 12.20 -26.56 -5.01
N SER A 28 12.28 -27.76 -5.58
CA SER A 28 11.50 -28.11 -6.74
C SER A 28 10.02 -28.01 -6.42
N LEU A 29 9.23 -27.46 -7.34
CA LEU A 29 7.81 -27.34 -7.11
C LEU A 29 7.06 -28.48 -7.80
N VAL A 30 7.78 -29.54 -8.12
CA VAL A 30 7.11 -30.68 -8.73
C VAL A 30 6.51 -31.38 -7.54
N HIS A 31 5.20 -31.52 -7.52
CA HIS A 31 4.51 -32.15 -6.40
C HIS A 31 4.45 -33.69 -6.57
N SER A 32 4.30 -34.41 -5.47
CA SER A 32 4.23 -35.87 -5.51
C SER A 32 3.17 -36.42 -6.47
N SER A 33 2.19 -35.60 -6.84
CA SER A 33 1.18 -36.08 -7.76
C SER A 33 1.72 -36.01 -9.20
N GLY A 34 2.89 -35.39 -9.36
CA GLY A 34 3.44 -35.25 -10.70
C GLY A 34 3.10 -33.90 -11.33
N ASN A 35 2.20 -33.16 -10.70
CA ASN A 35 1.82 -31.84 -11.16
C ASN A 35 2.77 -30.81 -10.57
N THR A 36 2.84 -29.65 -11.21
CA THR A 36 3.69 -28.57 -10.72
C THR A 36 2.75 -27.44 -10.41
N TYR A 37 2.50 -27.25 -9.12
CA TYR A 37 1.56 -26.24 -8.68
C TYR A 37 2.21 -24.86 -8.50
N LEU A 38 2.59 -24.26 -9.62
CA LEU A 38 3.18 -22.93 -9.65
C LEU A 38 2.15 -22.09 -10.42
N HIS A 39 1.73 -20.98 -9.83
CA HIS A 39 0.72 -20.15 -10.48
C HIS A 39 1.15 -18.71 -10.53
N TRP A 40 0.47 -17.90 -11.35
CA TRP A 40 0.78 -16.46 -11.48
C TRP A 40 -0.48 -15.65 -11.30
N TYR A 41 -0.36 -14.56 -10.54
CA TYR A 41 -1.46 -13.64 -10.24
C TYR A 41 -1.07 -12.22 -10.58
N LEU A 42 -2.08 -11.41 -10.90
CA LEU A 42 -1.84 -10.00 -11.18
C LEU A 42 -2.77 -9.24 -10.24
N GLN A 43 -2.22 -8.28 -9.52
CA GLN A 43 -3.03 -7.48 -8.63
C GLN A 43 -2.91 -5.99 -8.94
N LYS A 44 -4.07 -5.35 -9.03
CA LYS A 44 -4.17 -3.92 -9.30
C LYS A 44 -4.58 -3.24 -8.00
N PRO A 45 -4.29 -1.93 -7.86
CA PRO A 45 -4.64 -1.18 -6.65
C PRO A 45 -6.11 -1.29 -6.26
N GLY A 46 -6.36 -1.51 -4.98
CA GLY A 46 -7.72 -1.63 -4.49
C GLY A 46 -8.44 -2.90 -4.89
N GLN A 47 -7.72 -3.81 -5.52
CA GLN A 47 -8.33 -5.05 -5.97
C GLN A 47 -7.65 -6.27 -5.41
N SER A 48 -8.38 -7.36 -5.41
CA SER A 48 -7.82 -8.61 -4.94
C SER A 48 -7.04 -9.19 -6.11
N PRO A 49 -6.12 -10.11 -5.81
CA PRO A 49 -5.31 -10.72 -6.87
C PRO A 49 -6.17 -11.52 -7.85
N LYS A 50 -5.79 -11.48 -9.13
CA LYS A 50 -6.49 -12.22 -10.16
C LYS A 50 -5.57 -13.24 -10.80
N LEU A 51 -6.07 -14.47 -10.90
CA LEU A 51 -5.32 -15.59 -11.46
C LEU A 51 -5.09 -15.45 -12.96
N LEU A 52 -3.85 -15.67 -13.40
CA LEU A 52 -3.53 -15.56 -14.81
C LEU A 52 -3.12 -16.88 -15.43
N ILE A 53 -2.21 -17.56 -14.74
CA ILE A 53 -1.65 -18.82 -15.19
C ILE A 53 -1.67 -19.80 -14.02
N TYR A 54 -2.14 -21.02 -14.26
CA TYR A 54 -2.15 -22.05 -13.23
C TYR A 54 -1.36 -23.24 -13.74
N LYS A 55 -0.69 -23.93 -12.82
CA LYS A 55 0.10 -25.10 -13.15
C LYS A 55 1.05 -24.76 -14.27
N VAL A 56 1.96 -23.85 -13.94
CA VAL A 56 3.01 -23.38 -14.81
C VAL A 56 2.66 -22.62 -16.08
N SER A 57 1.83 -23.21 -16.93
CA SER A 57 1.54 -22.59 -18.21
C SER A 57 0.13 -22.59 -18.73
N ASN A 58 -0.84 -22.90 -17.88
CA ASN A 58 -2.22 -22.90 -18.34
C ASN A 58 -2.87 -21.55 -18.13
N ARG A 59 -3.25 -20.91 -19.23
CA ARG A 59 -3.88 -19.62 -19.13
C ARG A 59 -5.23 -19.84 -18.49
N PHE A 60 -5.57 -18.98 -17.54
CA PHE A 60 -6.85 -19.10 -16.87
C PHE A 60 -7.92 -18.45 -17.73
N SER A 61 -9.17 -18.76 -17.44
CA SER A 61 -10.31 -18.22 -18.19
C SER A 61 -10.27 -16.71 -18.38
N GLY A 62 -10.47 -16.26 -19.61
CA GLY A 62 -10.49 -14.82 -19.88
C GLY A 62 -9.16 -14.09 -19.85
N VAL A 63 -8.06 -14.84 -19.88
CA VAL A 63 -6.73 -14.22 -19.87
C VAL A 63 -6.18 -14.24 -21.29
N PRO A 64 -5.96 -13.04 -21.87
CA PRO A 64 -5.43 -12.88 -23.22
C PRO A 64 -4.16 -13.66 -23.49
N ASP A 65 -4.08 -14.21 -24.69
CA ASP A 65 -2.96 -15.02 -25.13
C ASP A 65 -1.61 -14.31 -25.09
N ARG A 66 -1.59 -13.00 -24.86
CA ARG A 66 -0.29 -12.35 -24.80
C ARG A 66 0.49 -12.86 -23.58
N PHE A 67 -0.24 -13.39 -22.60
CA PHE A 67 0.35 -13.94 -21.37
C PHE A 67 0.68 -15.42 -21.55
N SER A 68 1.85 -15.83 -21.09
CA SER A 68 2.23 -17.23 -21.18
C SER A 68 3.19 -17.55 -20.05
N GLY A 69 3.10 -18.76 -19.52
CA GLY A 69 3.98 -19.17 -18.45
C GLY A 69 4.84 -20.34 -18.87
N SER A 70 6.06 -20.41 -18.36
CA SER A 70 6.93 -21.50 -18.72
C SER A 70 7.83 -21.80 -17.54
N GLY A 71 8.66 -22.83 -17.68
CA GLY A 71 9.58 -23.20 -16.62
C GLY A 71 9.25 -24.55 -16.06
N SER A 72 10.08 -25.04 -15.14
CA SER A 72 9.86 -26.33 -14.53
C SER A 72 10.78 -26.47 -13.31
N GLY A 73 10.47 -27.42 -12.46
CA GLY A 73 11.30 -27.63 -11.28
C GLY A 73 11.35 -26.42 -10.37
N THR A 74 12.43 -25.64 -10.46
CA THR A 74 12.59 -24.46 -9.61
C THR A 74 12.66 -23.13 -10.34
N ASP A 75 12.56 -23.15 -11.66
CA ASP A 75 12.62 -21.92 -12.45
C ASP A 75 11.37 -21.68 -13.27
N PHE A 76 10.78 -20.51 -13.09
CA PHE A 76 9.58 -20.21 -13.82
C PHE A 76 9.63 -18.79 -14.33
N THR A 77 8.95 -18.57 -15.45
CA THR A 77 8.91 -17.28 -16.09
C THR A 77 7.52 -17.00 -16.63
N LEU A 78 7.06 -15.78 -16.43
CA LEU A 78 5.77 -15.35 -16.97
C LEU A 78 6.17 -14.34 -18.03
N THR A 79 5.55 -14.43 -19.20
CA THR A 79 5.91 -13.55 -20.31
C THR A 79 4.70 -12.82 -20.85
N ILE A 80 4.86 -11.52 -21.10
CA ILE A 80 3.78 -10.74 -21.70
C ILE A 80 4.40 -10.27 -23.00
N SER A 81 3.97 -10.85 -24.11
CA SER A 81 4.53 -10.53 -25.43
C SER A 81 4.40 -9.06 -25.83
N ARG A 82 3.24 -8.46 -25.58
CA ARG A 82 3.02 -7.06 -25.93
C ARG A 82 2.23 -6.39 -24.81
N VAL A 83 2.95 -5.70 -23.93
CA VAL A 83 2.36 -5.03 -22.78
C VAL A 83 1.32 -3.97 -23.10
N GLU A 84 0.20 -4.02 -22.38
CA GLU A 84 -0.88 -3.08 -22.53
C GLU A 84 -1.10 -2.42 -21.18
N ALA A 85 -1.65 -1.21 -21.19
CA ALA A 85 -1.87 -0.47 -19.96
C ALA A 85 -2.57 -1.33 -18.90
N GLU A 86 -3.59 -2.08 -19.31
CA GLU A 86 -4.33 -2.91 -18.37
C GLU A 86 -3.47 -3.99 -17.73
N ASP A 87 -2.26 -4.19 -18.22
CA ASP A 87 -1.38 -5.22 -17.64
C ASP A 87 -0.58 -4.65 -16.49
N LEU A 88 -0.60 -3.33 -16.34
CA LEU A 88 0.17 -2.70 -15.28
C LEU A 88 -0.40 -3.04 -13.91
N GLY A 89 0.49 -3.44 -13.00
CA GLY A 89 0.10 -3.79 -11.66
C GLY A 89 1.23 -4.57 -11.02
N VAL A 90 0.90 -5.37 -10.01
CA VAL A 90 1.92 -6.18 -9.35
C VAL A 90 1.64 -7.64 -9.64
N TYR A 91 2.66 -8.34 -10.10
CA TYR A 91 2.52 -9.76 -10.43
C TYR A 91 3.12 -10.59 -9.30
N TYR A 92 2.45 -11.68 -8.94
CA TYR A 92 2.91 -12.56 -7.89
C TYR A 92 2.92 -14.00 -8.35
N CYS A 93 3.97 -14.73 -8.00
CA CYS A 93 3.93 -16.14 -8.32
C CYS A 93 3.40 -16.74 -7.04
N PHE A 94 2.76 -17.90 -7.15
CA PHE A 94 2.19 -18.58 -5.99
C PHE A 94 2.42 -20.07 -6.16
N GLN A 95 2.91 -20.73 -5.13
CA GLN A 95 3.15 -22.17 -5.19
C GLN A 95 2.29 -22.87 -4.13
N SER A 96 1.62 -23.94 -4.54
CA SER A 96 0.78 -24.72 -3.65
C SER A 96 1.20 -26.18 -3.70
N SER A 97 2.49 -26.41 -3.96
CA SER A 97 3.05 -27.76 -4.02
C SER A 97 3.51 -28.17 -2.63
N HIS A 98 3.87 -27.19 -1.83
CA HIS A 98 4.36 -27.46 -0.49
C HIS A 98 3.69 -26.53 0.53
N VAL A 99 3.26 -27.12 1.64
CA VAL A 99 2.62 -26.38 2.72
C VAL A 99 3.73 -25.90 3.64
N PRO A 100 3.68 -24.64 4.08
CA PRO A 100 2.64 -23.67 3.76
C PRO A 100 2.72 -23.12 2.35
N LEU A 101 1.56 -22.89 1.75
CA LEU A 101 1.48 -22.33 0.43
C LEU A 101 2.07 -20.91 0.55
N THR A 102 2.92 -20.53 -0.40
CA THR A 102 3.59 -19.23 -0.34
C THR A 102 3.57 -18.44 -1.65
N PHE A 103 3.61 -17.11 -1.51
CA PHE A 103 3.64 -16.18 -2.64
C PHE A 103 5.03 -15.54 -2.77
N GLY A 104 5.40 -15.15 -3.99
CA GLY A 104 6.66 -14.48 -4.18
C GLY A 104 6.42 -13.08 -3.64
N ALA A 105 7.43 -12.21 -3.62
CA ALA A 105 7.24 -10.86 -3.07
C ALA A 105 6.58 -9.90 -4.07
N GLY A 106 6.37 -10.38 -5.29
CA GLY A 106 5.73 -9.54 -6.29
C GLY A 106 6.69 -8.69 -7.12
N THR A 107 6.29 -8.42 -8.35
CA THR A 107 7.07 -7.63 -9.30
C THR A 107 6.12 -6.54 -9.77
N LYS A 108 6.53 -5.28 -9.66
CA LYS A 108 5.63 -4.26 -10.12
C LYS A 108 5.91 -3.91 -11.58
N LEU A 109 4.89 -4.08 -12.43
CA LEU A 109 5.02 -3.77 -13.84
C LEU A 109 4.58 -2.32 -13.88
N GLU A 110 5.53 -1.45 -14.21
CA GLU A 110 5.24 -0.03 -14.23
C GLU A 110 5.56 0.63 -15.58
N LEU A 111 4.98 1.80 -15.81
CA LEU A 111 5.16 2.48 -17.09
C LEU A 111 6.37 3.39 -17.11
N LYS A 112 7.27 3.20 -18.06
CA LYS A 112 8.39 4.11 -18.08
C LYS A 112 8.08 5.42 -18.80
N ARG A 113 8.86 6.42 -18.47
CA ARG A 113 8.71 7.72 -19.02
C ARG A 113 10.06 8.39 -18.83
N ALA A 114 10.21 9.59 -19.36
CA ALA A 114 11.46 10.32 -19.24
C ALA A 114 11.78 10.57 -17.79
N ASP A 115 13.07 10.57 -17.45
CA ASP A 115 13.46 10.85 -16.09
C ASP A 115 12.98 12.27 -15.77
N ALA A 116 12.68 12.54 -14.52
CA ALA A 116 12.22 13.86 -14.12
C ALA A 116 12.67 14.19 -12.71
N ALA A 117 13.21 15.40 -12.55
CA ALA A 117 13.67 15.87 -11.25
C ALA A 117 12.47 16.23 -10.37
N PRO A 118 12.60 16.04 -9.05
CA PRO A 118 11.50 16.36 -8.14
C PRO A 118 11.34 17.86 -7.90
N THR A 119 10.10 18.31 -7.74
CA THR A 119 9.86 19.70 -7.41
C THR A 119 9.82 19.61 -5.89
N VAL A 120 10.75 20.29 -5.23
CA VAL A 120 10.87 20.25 -3.78
C VAL A 120 10.39 21.52 -3.09
N SER A 121 9.53 21.37 -2.10
CA SER A 121 9.00 22.49 -1.34
C SER A 121 9.12 22.16 0.13
N ILE A 122 9.66 23.10 0.93
CA ILE A 122 9.80 22.85 2.37
C ILE A 122 8.81 23.73 3.16
N PHE A 123 8.32 23.23 4.29
CA PHE A 123 7.35 24.01 5.06
C PHE A 123 7.62 23.99 6.54
N PRO A 124 7.70 25.17 7.16
CA PRO A 124 7.96 25.23 8.60
C PRO A 124 6.68 24.85 9.34
N PRO A 125 6.79 24.53 10.63
CA PRO A 125 5.59 24.17 11.37
C PRO A 125 4.61 25.35 11.29
N SER A 126 3.32 25.05 11.22
CA SER A 126 2.30 26.10 11.20
C SER A 126 2.32 26.73 12.60
N SER A 127 1.92 27.99 12.70
CA SER A 127 1.89 28.60 14.02
C SER A 127 0.80 27.89 14.87
N GLU A 128 -0.24 27.40 14.18
CA GLU A 128 -1.32 26.69 14.85
C GLU A 128 -0.74 25.51 15.63
N GLN A 129 0.10 24.70 14.98
CA GLN A 129 0.70 23.54 15.61
C GLN A 129 1.68 23.97 16.70
N LEU A 130 2.38 25.07 16.45
CA LEU A 130 3.34 25.57 17.44
C LEU A 130 2.58 25.91 18.73
N THR A 131 1.42 26.55 18.58
CA THR A 131 0.58 26.90 19.73
C THR A 131 0.17 25.63 20.48
N SER A 132 -0.08 24.57 19.74
CA SER A 132 -0.49 23.30 20.31
C SER A 132 0.63 22.59 21.07
N GLY A 133 1.85 23.07 20.94
CA GLY A 133 2.99 22.46 21.63
C GLY A 133 3.80 21.46 20.81
N GLY A 134 3.57 21.42 19.50
CA GLY A 134 4.32 20.50 18.68
C GLY A 134 4.99 21.19 17.50
N ALA A 135 5.81 20.44 16.79
CA ALA A 135 6.51 20.97 15.63
C ALA A 135 6.82 19.91 14.58
N SER A 136 6.26 20.10 13.39
CA SER A 136 6.51 19.20 12.28
C SER A 136 7.04 20.04 11.13
N VAL A 137 8.16 19.64 10.53
CA VAL A 137 8.65 20.37 9.37
C VAL A 137 8.36 19.47 8.20
N VAL A 138 7.64 19.96 7.22
CA VAL A 138 7.26 19.13 6.09
C VAL A 138 7.94 19.45 4.79
N CYS A 139 8.25 18.41 4.04
CA CYS A 139 8.88 18.55 2.74
C CYS A 139 8.22 17.67 1.69
N PHE A 140 7.81 18.28 0.57
CA PHE A 140 7.22 17.52 -0.54
C PHE A 140 8.23 17.42 -1.67
N LEU A 141 8.29 16.24 -2.30
CA LEU A 141 9.18 15.98 -3.44
C LEU A 141 8.22 15.45 -4.48
N ASN A 142 7.72 16.36 -5.30
CA ASN A 142 6.69 16.02 -6.27
C ASN A 142 7.06 15.81 -7.72
N ASN A 143 6.31 14.89 -8.34
CA ASN A 143 6.43 14.55 -9.76
C ASN A 143 7.80 14.25 -10.31
N PHE A 144 8.43 13.21 -9.77
CA PHE A 144 9.75 12.79 -10.22
C PHE A 144 9.75 11.37 -10.80
N TYR A 145 10.84 11.00 -11.43
CA TYR A 145 10.95 9.68 -12.03
C TYR A 145 12.39 9.41 -12.41
N PRO A 146 12.90 8.21 -12.10
CA PRO A 146 12.27 7.07 -11.44
C PRO A 146 11.97 7.29 -9.96
N LYS A 147 11.29 6.33 -9.35
CA LYS A 147 10.90 6.44 -7.95
C LYS A 147 12.03 6.42 -6.93
N ASP A 148 13.18 5.90 -7.30
CA ASP A 148 14.31 5.85 -6.38
C ASP A 148 14.74 7.28 -6.05
N ILE A 149 14.76 7.61 -4.76
CA ILE A 149 15.15 8.94 -4.35
C ILE A 149 15.63 8.93 -2.90
N ASN A 150 16.54 9.83 -2.56
CA ASN A 150 17.04 9.92 -1.20
C ASN A 150 16.77 11.32 -0.63
N VAL A 151 16.13 11.35 0.53
CA VAL A 151 15.82 12.60 1.21
C VAL A 151 16.57 12.67 2.54
N LYS A 152 17.25 13.78 2.79
CA LYS A 152 17.99 13.93 4.04
C LYS A 152 17.54 15.22 4.72
N TRP A 153 17.42 15.19 6.04
CA TRP A 153 17.06 16.41 6.75
C TRP A 153 18.29 16.96 7.47
N LYS A 154 18.44 18.28 7.47
CA LYS A 154 19.55 18.92 8.17
C LYS A 154 19.02 20.04 9.08
N ILE A 155 19.45 20.00 10.34
CA ILE A 155 19.06 21.01 11.36
C ILE A 155 20.37 21.68 11.75
N ASP A 156 20.48 22.98 11.51
CA ASP A 156 21.72 23.71 11.76
C ASP A 156 22.93 22.96 11.17
N GLY A 157 22.76 22.46 9.95
CA GLY A 157 23.83 21.77 9.27
C GLY A 157 24.08 20.33 9.71
N SER A 158 23.35 19.89 10.73
CA SER A 158 23.52 18.55 11.24
C SER A 158 22.42 17.64 10.70
N GLU A 159 22.81 16.50 10.15
CA GLU A 159 21.85 15.57 9.57
C GLU A 159 21.00 14.84 10.59
N ARG A 160 19.70 14.76 10.34
CA ARG A 160 18.79 14.08 11.26
C ARG A 160 18.08 12.91 10.60
N GLN A 161 18.20 11.71 11.19
CA GLN A 161 17.51 10.55 10.64
C GLN A 161 16.36 10.08 11.53
N ASN A 162 16.43 10.37 12.83
CA ASN A 162 15.34 9.95 13.72
C ASN A 162 14.24 11.00 13.75
N GLY A 163 13.00 10.57 13.85
CA GLY A 163 11.89 11.51 13.87
C GLY A 163 11.42 11.86 12.48
N VAL A 164 11.94 11.15 11.49
CA VAL A 164 11.55 11.38 10.11
C VAL A 164 10.57 10.30 9.66
N LEU A 165 9.46 10.73 9.06
CA LEU A 165 8.45 9.82 8.55
C LEU A 165 8.23 10.18 7.10
N ASN A 166 8.26 9.16 6.26
CA ASN A 166 8.10 9.31 4.82
C ASN A 166 6.92 8.55 4.25
N SER A 167 6.32 9.11 3.20
CA SER A 167 5.19 8.47 2.56
C SER A 167 5.35 8.70 1.05
N TRP A 168 5.03 7.69 0.25
CA TRP A 168 5.17 7.78 -1.21
C TRP A 168 3.87 7.46 -1.94
N THR A 169 3.61 8.16 -3.03
CA THR A 169 2.39 7.89 -3.79
C THR A 169 2.70 6.79 -4.80
N ASP A 170 1.66 6.26 -5.43
CA ASP A 170 1.83 5.23 -6.46
C ASP A 170 2.10 5.99 -7.76
N GLN A 171 2.57 5.29 -8.80
CA GLN A 171 2.85 5.93 -10.06
C GLN A 171 1.61 6.72 -10.49
N ASP A 172 1.80 7.98 -10.85
CA ASP A 172 0.69 8.85 -11.26
C ASP A 172 -0.01 8.36 -12.53
N SER A 173 -1.33 8.43 -12.54
CA SER A 173 -2.10 7.97 -13.70
C SER A 173 -1.93 8.83 -14.95
N LYS A 174 -1.88 10.14 -14.79
CA LYS A 174 -1.73 11.05 -15.93
C LYS A 174 -0.31 11.29 -16.46
N ASP A 175 0.66 11.52 -15.57
CA ASP A 175 2.02 11.75 -16.03
C ASP A 175 3.04 10.67 -15.70
N SER A 176 2.59 9.63 -14.99
CA SER A 176 3.44 8.51 -14.64
C SER A 176 4.61 8.82 -13.71
N THR A 177 4.53 9.94 -13.01
CA THR A 177 5.60 10.27 -12.08
C THR A 177 5.21 9.75 -10.69
N TYR A 178 6.13 9.92 -9.77
CA TYR A 178 5.94 9.53 -8.38
C TYR A 178 6.12 10.80 -7.54
N SER A 179 5.56 10.79 -6.34
CA SER A 179 5.71 11.91 -5.44
C SER A 179 5.98 11.33 -4.07
N MET A 180 6.59 12.14 -3.21
CA MET A 180 6.92 11.73 -1.88
C MET A 180 6.80 12.88 -0.88
N SER A 181 6.47 12.52 0.34
CA SER A 181 6.33 13.50 1.41
C SER A 181 7.17 13.04 2.57
N SER A 182 7.95 13.95 3.14
CA SER A 182 8.82 13.62 4.27
C SER A 182 8.58 14.64 5.37
N THR A 183 8.40 14.15 6.59
CA THR A 183 8.14 15.04 7.72
C THR A 183 9.12 14.82 8.84
N LEU A 184 9.75 15.91 9.29
CA LEU A 184 10.69 15.86 10.39
C LEU A 184 9.88 16.29 11.61
N THR A 185 9.77 15.38 12.56
CA THR A 185 8.99 15.62 13.76
C THR A 185 9.94 15.97 14.90
N LEU A 186 9.63 17.07 15.60
CA LEU A 186 10.45 17.56 16.71
C LEU A 186 9.59 18.02 17.87
N THR A 187 10.23 18.25 19.00
CA THR A 187 9.49 18.78 20.13
C THR A 187 9.52 20.26 19.84
N LYS A 188 8.60 21.03 20.41
CA LYS A 188 8.62 22.46 20.18
C LYS A 188 9.91 23.08 20.74
N ASP A 189 10.39 22.57 21.88
CA ASP A 189 11.62 23.12 22.46
C ASP A 189 12.77 22.90 21.48
N GLU A 190 12.84 21.70 20.89
CA GLU A 190 13.90 21.39 19.92
C GLU A 190 13.87 22.36 18.74
N TYR A 191 12.68 22.50 18.17
CA TYR A 191 12.49 23.36 17.03
C TYR A 191 12.90 24.81 17.28
N GLU A 192 12.50 25.32 18.43
CA GLU A 192 12.80 26.70 18.81
C GLU A 192 14.28 26.88 19.13
N ARG A 193 14.95 25.77 19.37
CA ARG A 193 16.36 25.68 19.72
C ARG A 193 17.31 25.77 18.51
N HIS A 194 16.76 25.68 17.29
CA HIS A 194 17.59 25.72 16.10
C HIS A 194 17.06 26.69 15.10
N ASN A 195 17.88 27.09 14.14
CA ASN A 195 17.42 28.06 13.17
C ASN A 195 17.30 27.61 11.71
N SER A 196 18.29 26.86 11.25
CA SER A 196 18.30 26.44 9.85
C SER A 196 17.75 25.04 9.62
N TYR A 197 16.71 24.95 8.81
CA TYR A 197 16.08 23.66 8.46
C TYR A 197 16.17 23.41 6.96
N THR A 198 16.72 22.27 6.61
CA THR A 198 16.93 21.90 5.22
C THR A 198 16.42 20.53 4.84
N CYS A 199 15.77 20.47 3.68
CA CYS A 199 15.25 19.25 3.07
C CYS A 199 16.16 19.03 1.86
N GLU A 200 16.95 17.96 1.85
CA GLU A 200 17.85 17.72 0.73
C GLU A 200 17.44 16.49 -0.09
N ALA A 201 17.18 16.69 -1.37
CA ALA A 201 16.77 15.57 -2.24
C ALA A 201 17.85 15.18 -3.25
N THR A 202 18.24 13.91 -3.24
CA THR A 202 19.23 13.40 -4.18
C THR A 202 18.52 12.42 -5.14
N HIS A 203 18.48 12.79 -6.43
CA HIS A 203 17.83 11.99 -7.47
C HIS A 203 18.82 11.84 -8.66
N LYS A 204 18.71 10.77 -9.45
CA LYS A 204 19.64 10.54 -10.57
C LYS A 204 19.62 11.61 -11.65
N THR A 205 18.55 12.40 -11.68
CA THR A 205 18.47 13.45 -12.69
C THR A 205 19.51 14.54 -12.48
N SER A 206 20.27 14.47 -11.39
CA SER A 206 21.29 15.48 -11.18
C SER A 206 22.44 15.03 -10.33
N THR A 207 23.63 15.46 -10.72
CA THR A 207 24.84 15.12 -9.96
C THR A 207 24.71 15.86 -8.62
N SER A 208 24.09 17.03 -8.64
CA SER A 208 23.92 17.83 -7.44
C SER A 208 22.56 17.67 -6.77
N PRO A 209 22.54 17.60 -5.44
CA PRO A 209 21.25 17.45 -4.74
C PRO A 209 20.46 18.74 -4.81
N ILE A 210 19.14 18.63 -4.67
CA ILE A 210 18.29 19.81 -4.67
C ILE A 210 18.12 20.15 -3.20
N VAL A 211 18.37 21.40 -2.86
CA VAL A 211 18.29 21.83 -1.47
C VAL A 211 17.28 22.90 -1.22
N LYS A 212 16.43 22.68 -0.24
CA LYS A 212 15.42 23.66 0.13
C LYS A 212 15.54 23.89 1.61
N SER A 213 15.61 25.15 1.99
CA SER A 213 15.79 25.53 3.38
C SER A 213 14.98 26.73 3.79
N PHE A 214 14.98 26.96 5.10
CA PHE A 214 14.36 28.14 5.67
C PHE A 214 15.06 28.30 6.99
N ASN A 215 15.00 29.50 7.53
CA ASN A 215 15.61 29.82 8.81
C ASN A 215 14.43 30.23 9.65
N ARG A 216 14.27 29.59 10.81
CA ARG A 216 13.16 29.93 11.69
C ARG A 216 13.19 31.46 11.86
N ASN A 217 14.34 32.03 11.53
CA ASN A 217 14.65 33.45 11.60
C ASN A 217 15.18 33.73 13.00
N GLN B 3 -19.91 -17.45 -9.16
CA GLN B 3 -19.13 -17.67 -7.93
C GLN B 3 -18.92 -16.35 -7.21
N LEU B 4 -19.17 -16.33 -5.91
CA LEU B 4 -19.02 -15.10 -5.16
C LEU B 4 -18.73 -15.41 -3.69
N LEU B 5 -17.65 -14.83 -3.18
CA LEU B 5 -17.25 -15.00 -1.78
C LEU B 5 -17.29 -13.64 -1.12
N GLU B 6 -17.81 -13.55 0.09
CA GLU B 6 -17.84 -12.25 0.74
C GLU B 6 -17.48 -12.33 2.22
N GLU B 7 -16.40 -11.65 2.62
CA GLU B 7 -15.96 -11.64 4.01
C GLU B 7 -16.78 -10.65 4.82
N SER B 8 -17.08 -11.04 6.05
CA SER B 8 -17.82 -10.20 6.97
C SER B 8 -16.94 -10.17 8.22
N GLY B 9 -16.29 -9.03 8.47
CA GLY B 9 -15.40 -8.91 9.61
C GLY B 9 -15.54 -7.64 10.43
N PRO B 10 -14.96 -7.60 11.65
CA PRO B 10 -14.97 -6.49 12.61
C PRO B 10 -14.27 -5.17 12.32
N GLY B 11 -13.36 -5.14 11.34
CA GLY B 11 -12.67 -3.88 11.06
C GLY B 11 -11.64 -3.48 12.11
N LEU B 12 -12.09 -3.14 13.31
CA LEU B 12 -11.17 -2.77 14.38
C LEU B 12 -11.13 -3.84 15.45
N VAL B 13 -9.92 -4.23 15.82
CA VAL B 13 -9.68 -5.25 16.84
C VAL B 13 -8.57 -4.74 17.75
N GLN B 14 -8.66 -5.01 19.04
CA GLN B 14 -7.62 -4.56 19.97
C GLN B 14 -6.59 -5.66 20.12
N PRO B 15 -5.32 -5.28 20.28
CA PRO B 15 -4.29 -6.34 20.43
C PRO B 15 -4.60 -7.26 21.61
N SER B 16 -4.19 -8.51 21.46
CA SER B 16 -4.40 -9.58 22.44
C SER B 16 -5.79 -10.20 22.29
N GLN B 17 -6.72 -9.49 21.65
CA GLN B 17 -8.06 -10.00 21.45
C GLN B 17 -8.11 -10.87 20.20
N SER B 18 -9.30 -11.25 19.75
CA SER B 18 -9.38 -12.12 18.58
C SER B 18 -10.12 -11.54 17.39
N LEU B 19 -9.88 -12.14 16.24
CA LEU B 19 -10.50 -11.71 15.01
C LEU B 19 -11.36 -12.84 14.41
N SER B 20 -12.65 -12.58 14.26
CA SER B 20 -13.56 -13.55 13.67
C SER B 20 -14.07 -12.99 12.36
N ILE B 21 -14.01 -13.79 11.31
CA ILE B 21 -14.49 -13.37 10.00
C ILE B 21 -15.33 -14.50 9.41
N THR B 22 -16.49 -14.14 8.86
CA THR B 22 -17.36 -15.11 8.24
C THR B 22 -17.32 -14.90 6.73
N CYS B 23 -17.05 -15.96 5.99
CA CYS B 23 -17.01 -15.87 4.53
C CYS B 23 -18.27 -16.53 4.02
N THR B 24 -19.14 -15.79 3.37
CA THR B 24 -20.34 -16.40 2.85
C THR B 24 -20.14 -16.56 1.36
N VAL B 25 -20.37 -17.78 0.85
CA VAL B 25 -20.17 -18.00 -0.57
C VAL B 25 -21.47 -18.26 -1.31
N SER B 26 -21.47 -17.93 -2.60
CA SER B 26 -22.65 -18.12 -3.46
C SER B 26 -22.20 -18.62 -4.82
N GLY B 27 -23.08 -19.34 -5.51
CA GLY B 27 -22.75 -19.83 -6.83
C GLY B 27 -22.00 -21.14 -6.89
N PHE B 28 -21.69 -21.70 -5.73
CA PHE B 28 -20.99 -22.99 -5.71
C PHE B 28 -21.13 -23.57 -4.33
N SER B 29 -20.89 -24.87 -4.22
CA SER B 29 -21.02 -25.57 -2.95
C SER B 29 -19.70 -25.83 -2.25
N LEU B 30 -19.68 -25.52 -0.95
CA LEU B 30 -18.50 -25.73 -0.13
C LEU B 30 -18.18 -27.23 -0.10
N THR B 31 -19.13 -28.08 -0.48
CA THR B 31 -18.85 -29.52 -0.48
C THR B 31 -18.11 -29.88 -1.77
N SER B 32 -17.98 -28.90 -2.68
CA SER B 32 -17.28 -29.11 -3.93
C SER B 32 -15.94 -28.37 -4.05
N TYR B 33 -15.78 -27.29 -3.30
CA TYR B 33 -14.55 -26.50 -3.38
C TYR B 33 -14.02 -26.10 -2.03
N GLY B 34 -12.70 -26.19 -1.87
CA GLY B 34 -12.10 -25.77 -0.62
C GLY B 34 -12.06 -24.24 -0.61
N VAL B 35 -11.88 -23.66 0.56
CA VAL B 35 -11.79 -22.21 0.68
C VAL B 35 -10.53 -21.83 1.45
N HIS B 36 -9.71 -20.98 0.84
CA HIS B 36 -8.46 -20.53 1.46
C HIS B 36 -8.64 -19.19 2.20
N TRP B 37 -7.72 -18.90 3.10
CA TRP B 37 -7.70 -17.60 3.78
C TRP B 37 -6.28 -17.08 3.57
N VAL B 38 -6.20 -15.86 3.07
CA VAL B 38 -4.95 -15.21 2.75
C VAL B 38 -5.04 -13.79 3.24
N ARG B 39 -3.93 -13.21 3.67
CA ARG B 39 -3.97 -11.82 4.09
C ARG B 39 -2.88 -11.04 3.38
N GLN B 40 -3.02 -9.71 3.40
CA GLN B 40 -2.08 -8.84 2.74
C GLN B 40 -1.84 -7.56 3.52
N SER B 41 -0.57 -7.32 3.81
CA SER B 41 -0.13 -6.14 4.53
C SER B 41 1.14 -5.68 3.83
N PRO B 42 1.44 -4.37 3.90
CA PRO B 42 2.65 -3.86 3.25
C PRO B 42 3.91 -4.58 3.75
N GLY B 43 4.04 -4.70 5.06
CA GLY B 43 5.20 -5.34 5.64
C GLY B 43 5.46 -6.81 5.32
N LYS B 44 4.41 -7.57 5.04
CA LYS B 44 4.59 -9.00 4.74
C LYS B 44 4.04 -9.48 3.40
N GLY B 45 3.54 -8.57 2.57
CA GLY B 45 2.99 -8.95 1.28
C GLY B 45 1.83 -9.92 1.47
N LEU B 46 1.62 -10.79 0.47
CA LEU B 46 0.56 -11.79 0.54
C LEU B 46 1.04 -13.01 1.32
N GLU B 47 0.24 -13.42 2.30
CA GLU B 47 0.54 -14.56 3.17
C GLU B 47 -0.69 -15.47 3.20
N TRP B 48 -0.46 -16.77 2.98
CA TRP B 48 -1.53 -17.76 3.02
C TRP B 48 -1.63 -18.20 4.48
N LEU B 49 -2.83 -18.15 5.04
CA LEU B 49 -3.06 -18.51 6.42
C LEU B 49 -3.50 -19.95 6.64
N GLY B 50 -4.38 -20.45 5.76
CA GLY B 50 -4.87 -21.80 5.89
C GLY B 50 -6.00 -22.05 4.92
N VAL B 51 -6.55 -23.26 4.95
CA VAL B 51 -7.63 -23.63 4.04
C VAL B 51 -8.56 -24.69 4.65
N ILE B 52 -9.82 -24.68 4.20
CA ILE B 52 -10.73 -25.72 4.62
C ILE B 52 -11.22 -26.37 3.32
N TRP B 53 -10.82 -27.62 3.13
CA TRP B 53 -11.13 -28.37 1.93
C TRP B 53 -12.60 -28.76 1.77
N SER B 54 -13.00 -29.10 0.55
CA SER B 54 -14.40 -29.51 0.30
C SER B 54 -14.78 -30.59 1.30
N GLY B 55 -13.89 -31.57 1.49
CA GLY B 55 -14.13 -32.65 2.42
C GLY B 55 -14.33 -32.23 3.86
N GLY B 56 -13.87 -31.03 4.21
CA GLY B 56 -14.04 -30.56 5.57
C GLY B 56 -12.79 -30.53 6.41
N SER B 57 -11.72 -31.17 5.94
CA SER B 57 -10.48 -31.13 6.70
C SER B 57 -9.83 -29.77 6.48
N THR B 58 -8.89 -29.43 7.35
CA THR B 58 -8.22 -28.15 7.25
C THR B 58 -6.70 -28.31 7.16
N ASP B 59 -6.06 -27.25 6.67
CA ASP B 59 -4.61 -27.18 6.61
C ASP B 59 -4.31 -25.76 7.04
N TYR B 60 -3.24 -25.59 7.81
CA TYR B 60 -2.89 -24.26 8.29
C TYR B 60 -1.44 -23.95 8.01
N ASN B 61 -1.13 -22.66 8.00
CA ASN B 61 0.23 -22.21 7.84
C ASN B 61 0.81 -22.38 9.25
N ALA B 62 1.86 -23.18 9.38
CA ALA B 62 2.46 -23.46 10.68
C ALA B 62 2.71 -22.24 11.55
N ALA B 63 3.00 -21.09 10.95
CA ALA B 63 3.27 -19.89 11.74
C ALA B 63 2.04 -19.28 12.40
N PHE B 64 0.86 -19.86 12.19
CA PHE B 64 -0.35 -19.31 12.76
C PHE B 64 -1.19 -20.37 13.49
N ILE B 65 -0.98 -21.64 13.14
CA ILE B 65 -1.74 -22.73 13.69
C ILE B 65 -2.04 -22.67 15.19
N SER B 66 -1.12 -22.11 15.98
CA SER B 66 -1.32 -22.01 17.43
C SER B 66 -2.44 -21.05 17.82
N ARG B 67 -2.86 -20.20 16.89
CA ARG B 67 -3.92 -19.26 17.22
C ARG B 67 -4.97 -19.14 16.12
N LEU B 68 -4.89 -20.00 15.12
CA LEU B 68 -5.85 -19.92 14.04
C LEU B 68 -6.78 -21.12 13.98
N SER B 69 -8.02 -20.86 13.61
CA SER B 69 -9.00 -21.92 13.48
C SER B 69 -9.92 -21.58 12.32
N ILE B 70 -10.18 -22.56 11.47
CA ILE B 70 -11.08 -22.35 10.33
C ILE B 70 -12.09 -23.51 10.36
N SER B 71 -13.35 -23.18 10.17
CA SER B 71 -14.39 -24.18 10.19
C SER B 71 -15.41 -23.70 9.20
N LYS B 72 -16.43 -24.52 8.96
CA LYS B 72 -17.47 -24.15 8.02
C LYS B 72 -18.78 -24.86 8.30
N ASP B 73 -19.84 -24.34 7.69
CA ASP B 73 -21.15 -24.93 7.81
C ASP B 73 -21.57 -25.13 6.36
N ASN B 74 -21.41 -26.36 5.87
CA ASN B 74 -21.74 -26.66 4.48
C ASN B 74 -23.15 -26.25 4.09
N SER B 75 -24.13 -26.55 4.95
CA SER B 75 -25.50 -26.19 4.62
C SER B 75 -25.73 -24.68 4.52
N LYS B 76 -25.02 -23.89 5.32
CA LYS B 76 -25.20 -22.44 5.26
C LYS B 76 -24.26 -21.73 4.27
N SER B 77 -23.40 -22.49 3.61
CA SER B 77 -22.43 -21.90 2.67
C SER B 77 -21.61 -20.79 3.35
N GLN B 78 -21.17 -21.04 4.57
CA GLN B 78 -20.36 -20.08 5.29
C GLN B 78 -19.11 -20.75 5.83
N VAL B 79 -18.00 -20.03 5.78
CA VAL B 79 -16.72 -20.50 6.27
C VAL B 79 -16.36 -19.55 7.38
N PHE B 80 -15.92 -20.08 8.50
CA PHE B 80 -15.58 -19.24 9.64
C PHE B 80 -14.09 -19.22 9.92
N PHE B 81 -13.57 -18.01 10.06
CA PHE B 81 -12.16 -17.81 10.32
C PHE B 81 -12.05 -17.17 11.71
N LYS B 82 -11.15 -17.68 12.53
CA LYS B 82 -10.97 -17.08 13.84
C LYS B 82 -9.51 -17.08 14.23
N MET B 83 -8.96 -15.89 14.52
CA MET B 83 -7.56 -15.82 14.91
C MET B 83 -7.48 -15.11 16.26
N ASN B 84 -6.69 -15.67 17.17
CA ASN B 84 -6.53 -15.09 18.50
C ASN B 84 -5.24 -14.34 18.67
N SER B 85 -5.10 -13.74 19.86
CA SER B 85 -3.91 -13.01 20.26
C SER B 85 -3.34 -12.15 19.16
N LEU B 86 -4.17 -11.29 18.60
CA LEU B 86 -3.75 -10.40 17.54
C LEU B 86 -2.72 -9.44 18.08
N GLN B 87 -1.81 -9.06 17.20
CA GLN B 87 -0.76 -8.10 17.53
C GLN B 87 -0.87 -7.06 16.42
N ALA B 88 -0.27 -5.88 16.64
CA ALA B 88 -0.33 -4.80 15.67
C ALA B 88 -0.01 -5.23 14.24
N ASP B 89 0.98 -6.12 14.08
CA ASP B 89 1.33 -6.54 12.73
C ASP B 89 0.41 -7.60 12.12
N ASP B 90 -0.78 -7.75 12.71
CA ASP B 90 -1.79 -8.63 12.16
C ASP B 90 -2.72 -7.69 11.41
N THR B 91 -2.38 -6.39 11.43
CA THR B 91 -3.18 -5.41 10.70
C THR B 91 -3.00 -5.72 9.22
N ALA B 92 -4.11 -5.97 8.53
CA ALA B 92 -4.06 -6.31 7.11
C ALA B 92 -5.42 -6.49 6.51
N ILE B 93 -5.41 -6.80 5.22
CA ILE B 93 -6.63 -7.06 4.49
C ILE B 93 -6.69 -8.59 4.48
N TYR B 94 -7.81 -9.12 4.93
CA TYR B 94 -8.03 -10.56 4.99
C TYR B 94 -9.02 -11.02 3.91
N TYR B 95 -8.60 -11.99 3.10
CA TYR B 95 -9.42 -12.53 2.02
C TYR B 95 -9.72 -14.02 2.16
N CYS B 96 -10.87 -14.44 1.64
CA CYS B 96 -11.15 -15.87 1.57
C CYS B 96 -11.16 -16.01 0.06
N ALA B 97 -10.75 -17.16 -0.45
CA ALA B 97 -10.70 -17.38 -1.89
C ALA B 97 -10.94 -18.86 -2.13
N ARG B 98 -11.63 -19.14 -3.22
CA ARG B 98 -11.97 -20.49 -3.57
C ARG B 98 -10.81 -21.28 -4.16
N ASN B 99 -10.66 -22.53 -3.73
CA ASN B 99 -9.63 -23.38 -4.28
C ASN B 99 -10.23 -23.95 -5.57
N ARG B 100 -9.54 -23.75 -6.69
CA ARG B 100 -10.02 -24.25 -7.97
C ARG B 100 -9.69 -25.72 -8.12
N GLY B 101 -10.38 -26.52 -7.33
CA GLY B 101 -10.20 -27.96 -7.38
C GLY B 101 -8.78 -28.47 -7.50
N TYR B 102 -8.59 -29.37 -8.46
CA TYR B 102 -7.31 -29.99 -8.69
C TYR B 102 -6.16 -29.12 -9.19
N SER B 103 -6.42 -27.85 -9.46
CA SER B 103 -5.33 -26.96 -9.90
C SER B 103 -4.62 -26.42 -8.65
N TYR B 104 -5.32 -26.43 -7.53
CA TYR B 104 -4.80 -25.94 -6.25
C TYR B 104 -4.34 -24.49 -6.30
N ALA B 105 -5.09 -23.69 -7.04
CA ALA B 105 -4.83 -22.27 -7.18
C ALA B 105 -6.13 -21.60 -6.75
N MET B 106 -6.02 -20.42 -6.15
CA MET B 106 -7.19 -19.66 -5.72
C MET B 106 -7.71 -19.01 -6.97
N ASP B 107 -9.02 -19.08 -7.24
CA ASP B 107 -9.54 -18.45 -8.45
C ASP B 107 -10.52 -17.33 -8.17
N SER B 108 -11.54 -17.56 -7.35
CA SER B 108 -12.48 -16.50 -7.03
C SER B 108 -12.11 -15.98 -5.66
N TRP B 109 -12.00 -14.67 -5.53
CA TRP B 109 -11.64 -14.04 -4.26
C TRP B 109 -12.75 -13.16 -3.73
N GLY B 110 -12.82 -13.04 -2.40
CA GLY B 110 -13.77 -12.14 -1.80
C GLY B 110 -13.16 -10.74 -1.94
N GLN B 111 -13.93 -9.69 -1.67
CA GLN B 111 -13.40 -8.34 -1.79
C GLN B 111 -12.35 -8.02 -0.72
N GLY B 112 -12.31 -8.84 0.33
CA GLY B 112 -11.36 -8.61 1.39
C GLY B 112 -11.93 -7.70 2.47
N THR B 113 -11.54 -7.97 3.72
CA THR B 113 -12.00 -7.14 4.81
C THR B 113 -10.79 -6.57 5.53
N SER B 114 -10.74 -5.25 5.65
CA SER B 114 -9.62 -4.58 6.28
C SER B 114 -9.68 -4.64 7.80
N VAL B 115 -8.61 -5.15 8.40
CA VAL B 115 -8.52 -5.29 9.85
C VAL B 115 -7.38 -4.45 10.39
N THR B 116 -7.70 -3.66 11.40
CA THR B 116 -6.72 -2.81 12.06
C THR B 116 -6.65 -3.29 13.50
N VAL B 117 -5.45 -3.67 13.93
CA VAL B 117 -5.26 -4.12 15.28
C VAL B 117 -4.63 -2.93 15.96
N SER B 118 -5.33 -2.40 16.96
CA SER B 118 -4.83 -1.22 17.66
C SER B 118 -5.64 -0.97 18.93
N SER B 119 -4.98 -0.43 19.93
CA SER B 119 -5.61 -0.12 21.20
C SER B 119 -6.10 1.33 21.20
N ALA B 120 -5.82 2.05 20.12
CA ALA B 120 -6.18 3.45 19.99
C ALA B 120 -7.67 3.73 20.01
N LYS B 121 -8.04 4.92 20.48
CA LYS B 121 -9.43 5.31 20.54
C LYS B 121 -9.70 6.31 19.42
N THR B 122 -10.97 6.41 19.03
CA THR B 122 -11.37 7.32 17.98
C THR B 122 -10.86 8.73 18.31
N THR B 123 -10.14 9.33 17.37
CA THR B 123 -9.57 10.66 17.59
C THR B 123 -9.59 11.46 16.30
N PRO B 124 -10.20 12.65 16.33
CA PRO B 124 -10.30 13.54 15.18
C PRO B 124 -8.90 14.13 14.91
N PRO B 125 -8.63 14.49 13.65
CA PRO B 125 -7.32 15.05 13.32
C PRO B 125 -7.10 16.53 13.61
N SER B 126 -5.84 16.90 13.77
CA SER B 126 -5.46 18.30 13.95
C SER B 126 -5.09 18.62 12.53
N VAL B 127 -5.66 19.69 11.96
CA VAL B 127 -5.34 20.02 10.58
C VAL B 127 -4.55 21.32 10.57
N TYR B 128 -3.32 21.24 10.09
CA TYR B 128 -2.47 22.42 10.06
C TYR B 128 -2.19 22.86 8.63
N PRO B 129 -2.38 24.16 8.34
CA PRO B 129 -2.14 24.68 6.99
C PRO B 129 -0.63 24.81 6.77
N LEU B 130 -0.18 24.53 5.56
CA LEU B 130 1.23 24.62 5.24
C LEU B 130 1.42 25.64 4.13
N ALA B 131 1.84 26.83 4.51
CA ALA B 131 2.08 27.90 3.52
C ALA B 131 3.60 28.04 3.36
N PRO B 132 4.04 28.63 2.25
CA PRO B 132 5.48 28.79 2.07
C PRO B 132 6.09 29.55 3.26
N GLY B 133 7.39 29.38 3.49
CA GLY B 133 8.03 30.09 4.57
C GLY B 133 8.26 31.56 4.25
N SER B 140 5.25 30.92 -12.96
CA SER B 140 5.70 30.21 -11.78
C SER B 140 4.52 29.56 -11.08
N MET B 141 4.79 28.51 -10.31
CA MET B 141 3.76 27.80 -9.58
C MET B 141 4.09 27.85 -8.09
N VAL B 142 3.08 27.74 -7.25
CA VAL B 142 3.31 27.74 -5.81
C VAL B 142 2.65 26.47 -5.25
N THR B 143 3.37 25.79 -4.36
CA THR B 143 2.87 24.57 -3.74
C THR B 143 2.50 24.89 -2.31
N LEU B 144 1.28 24.52 -1.96
CA LEU B 144 0.77 24.73 -0.61
C LEU B 144 0.48 23.36 -0.05
N GLY B 145 0.40 23.26 1.27
CA GLY B 145 0.13 21.98 1.85
C GLY B 145 -0.84 21.97 3.00
N CYS B 146 -0.97 20.78 3.59
CA CYS B 146 -1.87 20.57 4.69
C CYS B 146 -1.39 19.34 5.46
N LEU B 147 -1.23 19.48 6.76
CA LEU B 147 -0.80 18.36 7.59
C LEU B 147 -2.00 17.95 8.45
N VAL B 148 -2.40 16.69 8.30
CA VAL B 148 -3.55 16.12 9.02
C VAL B 148 -2.90 15.15 10.00
N LYS B 149 -2.74 15.60 11.24
CA LYS B 149 -2.03 14.84 12.26
C LYS B 149 -2.80 14.30 13.47
N GLY B 150 -2.40 13.11 13.91
CA GLY B 150 -3.01 12.51 15.08
C GLY B 150 -4.46 12.08 15.04
N TYR B 151 -4.87 11.34 14.02
CA TYR B 151 -6.23 10.85 13.96
C TYR B 151 -6.29 9.32 14.04
N PHE B 152 -7.49 8.83 14.30
CA PHE B 152 -7.73 7.40 14.37
C PHE B 152 -9.23 7.16 14.37
N PRO B 153 -9.70 6.19 13.58
CA PRO B 153 -8.94 5.28 12.72
C PRO B 153 -8.88 5.86 11.32
N GLU B 154 -8.33 5.09 10.38
CA GLU B 154 -8.31 5.48 8.99
C GLU B 154 -9.76 5.22 8.57
N PRO B 155 -10.24 5.92 7.53
CA PRO B 155 -9.44 6.91 6.80
C PRO B 155 -9.97 8.33 6.97
N VAL B 156 -9.25 9.29 6.42
CA VAL B 156 -9.69 10.69 6.41
C VAL B 156 -9.70 11.01 4.93
N THR B 157 -10.50 11.98 4.52
CA THR B 157 -10.49 12.35 3.12
C THR B 157 -10.11 13.82 3.04
N VAL B 158 -9.11 14.11 2.22
CA VAL B 158 -8.64 15.47 2.04
C VAL B 158 -8.96 15.95 0.64
N THR B 159 -9.54 17.13 0.56
CA THR B 159 -9.87 17.72 -0.70
C THR B 159 -9.42 19.16 -0.65
N TRP B 160 -9.42 19.82 -1.80
CA TRP B 160 -9.01 21.20 -1.85
C TRP B 160 -10.14 22.01 -2.45
N ASN B 161 -10.43 23.15 -1.82
CA ASN B 161 -11.52 24.00 -2.25
C ASN B 161 -12.73 23.12 -2.46
N SER B 162 -13.06 22.37 -1.40
CA SER B 162 -14.20 21.49 -1.38
C SER B 162 -14.34 20.59 -2.60
N GLY B 163 -13.21 20.17 -3.17
CA GLY B 163 -13.26 19.29 -4.32
C GLY B 163 -13.17 20.01 -5.65
N SER B 164 -13.32 21.34 -5.63
CA SER B 164 -13.25 22.14 -6.87
C SER B 164 -11.84 22.15 -7.47
N LEU B 165 -10.84 22.04 -6.60
CA LEU B 165 -9.44 22.03 -7.03
C LEU B 165 -8.94 20.57 -6.89
N SER B 166 -8.84 19.88 -8.03
CA SER B 166 -8.43 18.49 -8.01
C SER B 166 -7.13 18.19 -8.74
N SER B 167 -6.75 19.04 -9.68
CA SER B 167 -5.51 18.83 -10.41
C SER B 167 -4.35 19.42 -9.62
N GLY B 168 -3.18 18.79 -9.72
CA GLY B 168 -2.00 19.26 -9.02
C GLY B 168 -1.99 18.89 -7.54
N VAL B 169 -2.86 17.94 -7.19
CA VAL B 169 -2.98 17.51 -5.81
C VAL B 169 -2.30 16.17 -5.58
N HIS B 170 -1.60 16.08 -4.46
CA HIS B 170 -0.94 14.84 -4.07
C HIS B 170 -1.28 14.59 -2.60
N THR B 171 -2.07 13.56 -2.35
CA THR B 171 -2.43 13.22 -0.99
C THR B 171 -1.64 11.94 -0.73
N PHE B 172 -0.82 11.98 0.29
CA PHE B 172 0.05 10.87 0.63
C PHE B 172 -0.54 9.90 1.63
N PRO B 173 -0.19 8.61 1.49
CA PRO B 173 -0.68 7.56 2.38
C PRO B 173 -0.35 7.96 3.81
N ALA B 174 -1.23 7.66 4.75
CA ALA B 174 -0.97 8.03 6.13
C ALA B 174 0.09 7.10 6.71
N VAL B 175 0.79 7.58 7.72
CA VAL B 175 1.80 6.77 8.38
C VAL B 175 1.40 6.77 9.84
N LEU B 176 1.86 5.76 10.56
CA LEU B 176 1.51 5.65 11.95
C LEU B 176 2.58 6.25 12.85
N GLN B 177 2.17 7.14 13.76
CA GLN B 177 3.10 7.74 14.72
C GLN B 177 2.44 7.75 16.10
N SER B 178 3.06 7.08 17.05
CA SER B 178 2.50 7.02 18.41
C SER B 178 1.12 6.39 18.41
N ASP B 179 0.87 5.50 17.46
CA ASP B 179 -0.41 4.78 17.34
C ASP B 179 -1.54 5.59 16.72
N LEU B 180 -1.21 6.78 16.23
CA LEU B 180 -2.17 7.65 15.56
C LEU B 180 -1.63 7.87 14.17
N TYR B 181 -2.53 8.14 13.23
CA TYR B 181 -2.15 8.36 11.85
C TYR B 181 -1.91 9.81 11.55
N THR B 182 -0.99 10.06 10.61
CA THR B 182 -0.69 11.42 10.17
C THR B 182 -0.48 11.37 8.68
N LEU B 183 -1.06 12.32 7.95
CA LEU B 183 -0.83 12.33 6.53
C LEU B 183 -0.75 13.77 6.07
N SER B 184 -0.25 13.95 4.86
CA SER B 184 -0.16 15.29 4.32
C SER B 184 -0.69 15.24 2.90
N SER B 185 -0.97 16.43 2.37
CA SER B 185 -1.47 16.59 1.03
C SER B 185 -0.90 17.90 0.50
N SER B 186 -0.52 17.92 -0.78
CA SER B 186 0.01 19.16 -1.34
C SER B 186 -0.79 19.51 -2.57
N VAL B 187 -0.93 20.79 -2.85
CA VAL B 187 -1.61 21.22 -4.06
C VAL B 187 -0.69 22.28 -4.68
N THR B 188 -0.63 22.31 -6.00
CA THR B 188 0.22 23.26 -6.70
C THR B 188 -0.67 24.04 -7.63
N VAL B 189 -0.66 25.36 -7.47
CA VAL B 189 -1.45 26.25 -8.28
C VAL B 189 -0.55 27.35 -8.83
N PRO B 190 -0.99 28.04 -9.90
CA PRO B 190 -0.16 29.10 -10.47
C PRO B 190 -0.05 30.16 -9.38
N SER B 191 1.14 30.72 -9.21
CA SER B 191 1.33 31.72 -8.17
C SER B 191 0.45 32.94 -8.34
N SER B 192 -0.13 33.12 -9.52
CA SER B 192 -1.00 34.27 -9.75
C SER B 192 -2.41 34.01 -9.18
N THR B 193 -2.65 32.81 -8.66
CA THR B 193 -3.95 32.50 -8.10
C THR B 193 -3.95 32.49 -6.57
N TRP B 194 -2.77 32.44 -5.96
CA TRP B 194 -2.68 32.43 -4.51
C TRP B 194 -1.58 33.40 -4.11
N PRO B 195 -1.80 34.20 -3.06
CA PRO B 195 -2.98 34.29 -2.21
C PRO B 195 -4.13 35.14 -2.73
N SER B 196 -3.98 35.71 -3.92
CA SER B 196 -5.04 36.54 -4.48
C SER B 196 -6.38 35.81 -4.37
N GLU B 197 -6.39 34.53 -4.71
CA GLU B 197 -7.60 33.72 -4.63
C GLU B 197 -7.47 32.72 -3.46
N THR B 198 -8.57 32.47 -2.78
CA THR B 198 -8.56 31.57 -1.62
C THR B 198 -8.29 30.10 -1.93
N VAL B 199 -7.46 29.48 -1.09
CA VAL B 199 -7.13 28.06 -1.22
C VAL B 199 -7.35 27.42 0.14
N THR B 200 -8.26 26.45 0.19
CA THR B 200 -8.59 25.80 1.43
C THR B 200 -8.39 24.29 1.44
N CYS B 201 -7.92 23.79 2.57
CA CYS B 201 -7.70 22.36 2.76
C CYS B 201 -8.97 21.84 3.46
N ASN B 202 -9.64 20.86 2.86
CA ASN B 202 -10.87 20.30 3.46
C ASN B 202 -10.65 18.88 3.89
N VAL B 203 -10.82 18.64 5.18
CA VAL B 203 -10.60 17.33 5.76
C VAL B 203 -11.85 16.76 6.43
N ALA B 204 -12.13 15.50 6.14
CA ALA B 204 -13.25 14.79 6.72
C ALA B 204 -12.77 13.50 7.38
N HIS B 205 -13.21 13.27 8.60
CA HIS B 205 -12.86 12.07 9.31
C HIS B 205 -14.19 11.45 9.70
N PRO B 206 -14.70 10.49 8.89
CA PRO B 206 -15.99 9.82 9.13
C PRO B 206 -16.16 9.26 10.53
N ALA B 207 -15.17 8.53 11.00
CA ALA B 207 -15.23 7.90 12.32
C ALA B 207 -15.48 8.82 13.50
N SER B 208 -15.02 10.07 13.44
CA SER B 208 -15.24 11.00 14.55
C SER B 208 -16.27 12.04 14.12
N SER B 209 -16.91 11.81 12.99
CA SER B 209 -17.90 12.74 12.46
C SER B 209 -17.40 14.19 12.47
N THR B 210 -16.19 14.40 11.99
CA THR B 210 -15.68 15.77 11.96
C THR B 210 -15.18 16.18 10.59
N LYS B 211 -15.34 17.46 10.28
CA LYS B 211 -14.82 17.99 9.05
C LYS B 211 -14.06 19.27 9.43
N VAL B 212 -12.98 19.57 8.72
CA VAL B 212 -12.21 20.79 8.98
C VAL B 212 -11.91 21.47 7.66
N ASP B 213 -12.17 22.77 7.60
CA ASP B 213 -11.91 23.56 6.41
C ASP B 213 -10.84 24.58 6.81
N LYS B 214 -9.59 24.29 6.47
CA LYS B 214 -8.50 25.18 6.83
C LYS B 214 -8.00 26.02 5.66
N LYS B 215 -8.20 27.33 5.75
CA LYS B 215 -7.73 28.21 4.69
C LYS B 215 -6.22 28.34 4.76
N ILE B 216 -5.57 28.36 3.60
CA ILE B 216 -4.12 28.49 3.54
C ILE B 216 -3.77 29.95 3.29
N VAL B 217 -3.19 30.60 4.30
CA VAL B 217 -2.83 32.00 4.12
C VAL B 217 -1.35 32.19 4.40
N PRO B 218 -0.75 33.23 3.80
CA PRO B 218 0.68 33.52 3.99
C PRO B 218 1.07 33.60 5.46
N ARG B 219 2.35 33.45 5.75
CA ARG B 219 2.82 33.49 7.14
C ARG B 219 3.16 34.87 7.71
N ASP B 220 3.70 34.86 8.93
CA ASP B 220 4.12 36.04 9.68
C ASP B 220 2.98 36.97 10.04
#